data_6O9P
#
_entry.id   6O9P
#
_cell.length_a   181.550
_cell.length_b   58.690
_cell.length_c   53.590
_cell.angle_alpha   90.00
_cell.angle_beta   93.10
_cell.angle_gamma   90.00
#
_symmetry.space_group_name_H-M   'C 1 2 1'
#
loop_
_entity.id
_entity.type
_entity.pdbx_description
1 polymer 'Sesquisabinene B synthase 1'
2 non-polymer IBANDRONATE
3 non-polymer 1,2-ETHANEDIOL
4 non-polymer 'MAGNESIUM ION'
5 water water
#
_entity_poly.entity_id   1
_entity_poly.type   'polypeptide(L)'
_entity_poly.pdbx_seq_one_letter_code
;MDLCQIPPTSPISPSVPFNGDDSSVVRRSANYPANLWDYDFLQSLGRHSSVTEEHVGLAEKLKGEVKSLITGPMEPLAKL
EFIDSVRRLGLKYQFETEMKEALANISKDGYDSWWVDNLRATALRFRLLRENGIFVPQDVFERFQNKETGKFKNELCEDV
KGLLNLYEASFLGWEGEDILDEARTFSTAQLKNVEGKISSPNLAKIVHHALDLPLHWRAIRYEARWFIDIYEDEEDMNPT
LLKYAKLDFNIVQSFHQAEIGRLARWWVGTGLDKLPFARNGLIQSYMYAIGMLFEPHLGEVREMEAKVGALITTIDDVYD
VYGTMEELELFTDITERWDINRVDQLPRNIRMPLLTMFNTSNDIGYWALKERGFNGIPYTAKVWADQLKSYTKEAKWFHE
GHKPTLEEYLENALVSIGFPNLLVTSYLLTVDNPTKEKLDYVDSLPLFVRASCILCRIINDLGTSPDEMERGDNLKSIQC
YMNETGASQEVAREHIEGLVRMWWKRLNKCLFEPSPFTEPFLSFTINVVRGSHFFYQYGDGYGNAESWTKNQGMSVLIHP
ITLDEE
;
_entity_poly.pdbx_strand_id   A
#
# COMPACT_ATOMS: atom_id res chain seq x y z
N TRP A 37 16.62 10.26 13.12
CA TRP A 37 15.88 9.38 14.01
C TRP A 37 16.74 8.90 15.17
N ASP A 38 16.54 9.51 16.34
CA ASP A 38 17.18 9.03 17.56
C ASP A 38 16.33 7.90 18.13
N TYR A 39 16.79 6.65 17.95
CA TYR A 39 16.08 5.53 18.54
C TYR A 39 16.08 5.62 20.06
N ASP A 40 17.12 6.25 20.63
CA ASP A 40 17.07 6.71 22.01
C ASP A 40 15.77 7.46 22.29
N PHE A 41 15.36 8.33 21.35
CA PHE A 41 14.15 9.11 21.52
C PHE A 41 12.88 8.32 21.19
N LEU A 42 12.96 7.30 20.34
CA LEU A 42 11.74 6.56 20.01
C LEU A 42 11.39 5.52 21.07
N GLN A 43 12.39 4.99 21.79
CA GLN A 43 12.08 4.25 23.00
C GLN A 43 11.36 5.13 24.02
N SER A 44 11.67 6.44 24.01
CA SER A 44 10.89 7.37 24.82
C SER A 44 9.40 7.31 24.47
N LEU A 45 9.05 7.43 23.19
CA LEU A 45 7.64 7.57 22.80
C LEU A 45 6.85 6.34 23.21
N GLY A 46 5.54 6.54 23.42
CA GLY A 46 4.64 5.51 23.85
C GLY A 46 4.50 5.37 25.35
N ARG A 47 5.52 5.79 26.10
CA ARG A 47 5.40 5.83 27.55
C ARG A 47 4.42 6.92 27.99
N HIS A 48 4.59 8.13 27.47
CA HIS A 48 3.70 9.24 27.78
C HIS A 48 2.47 9.21 26.88
N GLU A 53 -4.59 11.76 27.93
CA GLU A 53 -5.47 12.36 26.93
C GLU A 53 -6.83 11.64 26.89
N GLU A 54 -7.89 12.38 27.24
CA GLU A 54 -9.25 11.90 27.11
C GLU A 54 -10.00 12.89 26.22
N HIS A 55 -9.98 12.61 24.91
CA HIS A 55 -10.92 13.21 23.97
C HIS A 55 -11.90 12.19 23.43
N VAL A 56 -11.96 10.99 24.03
CA VAL A 56 -12.65 9.87 23.40
C VAL A 56 -14.16 10.05 23.47
N GLY A 57 -14.68 10.70 24.51
CA GLY A 57 -16.11 10.96 24.55
C GLY A 57 -16.55 11.92 23.46
N LEU A 58 -15.80 13.00 23.26
CA LEU A 58 -16.08 13.91 22.15
C LEU A 58 -15.87 13.22 20.82
N ALA A 59 -14.92 12.30 20.74
CA ALA A 59 -14.73 11.52 19.53
C ALA A 59 -15.95 10.68 19.22
N GLU A 60 -16.55 10.06 20.24
CA GLU A 60 -17.75 9.27 20.02
C GLU A 60 -18.94 10.14 19.66
N LYS A 61 -19.04 11.33 20.26
CA LYS A 61 -20.09 12.27 19.87
C LYS A 61 -19.96 12.66 18.41
N LEU A 62 -18.76 13.10 18.01
CA LEU A 62 -18.52 13.47 16.61
C LEU A 62 -18.71 12.29 15.68
N LYS A 63 -18.42 11.07 16.13
CA LYS A 63 -18.62 9.91 15.30
C LYS A 63 -20.11 9.64 15.08
N GLY A 64 -20.91 9.73 16.14
CA GLY A 64 -22.34 9.62 15.96
C GLY A 64 -22.89 10.68 15.02
N GLU A 65 -22.35 11.90 15.10
CA GLU A 65 -22.83 12.97 14.24
C GLU A 65 -22.45 12.75 12.77
N VAL A 66 -21.19 12.37 12.52
CA VAL A 66 -20.76 12.07 11.15
C VAL A 66 -21.55 10.89 10.60
N LYS A 67 -21.85 9.91 11.45
CA LYS A 67 -22.63 8.74 11.04
C LYS A 67 -24.04 9.14 10.65
N SER A 68 -24.68 9.99 11.46
CA SER A 68 -25.99 10.51 11.08
C SER A 68 -25.92 11.27 9.77
N LEU A 69 -24.83 12.02 9.55
CA LEU A 69 -24.64 12.71 8.27
C LEU A 69 -24.57 11.71 7.12
N ILE A 70 -23.87 10.60 7.30
CA ILE A 70 -23.75 9.61 6.24
C ILE A 70 -25.10 8.95 5.98
N THR A 71 -25.89 8.74 7.02
CA THR A 71 -27.26 8.27 6.83
C THR A 71 -28.23 9.39 6.46
N GLY A 72 -27.78 10.65 6.53
CA GLY A 72 -28.62 11.80 6.35
C GLY A 72 -29.21 11.94 4.96
N PRO A 73 -30.10 12.93 4.78
CA PRO A 73 -30.85 13.06 3.51
C PRO A 73 -29.96 13.22 2.29
N MET A 74 -29.15 14.29 2.24
CA MET A 74 -28.02 14.33 1.33
C MET A 74 -28.35 14.15 -0.15
N GLU A 75 -28.79 15.22 -0.82
CA GLU A 75 -28.83 15.24 -2.28
C GLU A 75 -27.62 14.51 -2.84
N PRO A 76 -27.81 13.67 -3.86
CA PRO A 76 -26.88 12.55 -4.07
C PRO A 76 -25.45 12.95 -4.40
N LEU A 77 -25.24 14.00 -5.19
CA LEU A 77 -23.87 14.41 -5.48
C LEU A 77 -23.17 14.88 -4.21
N ALA A 78 -23.90 15.58 -3.34
CA ALA A 78 -23.33 15.99 -2.06
C ALA A 78 -23.00 14.79 -1.18
N LYS A 79 -23.86 13.76 -1.22
CA LYS A 79 -23.56 12.53 -0.48
C LYS A 79 -22.32 11.84 -1.01
N LEU A 80 -22.15 11.80 -2.33
CA LEU A 80 -20.93 11.24 -2.91
C LEU A 80 -19.70 12.02 -2.47
N GLU A 81 -19.77 13.35 -2.55
CA GLU A 81 -18.62 14.17 -2.16
C GLU A 81 -18.32 14.00 -0.68
N PHE A 82 -19.36 13.85 0.15
CA PHE A 82 -19.14 13.66 1.58
C PHE A 82 -18.51 12.30 1.86
N ILE A 83 -19.00 11.24 1.22
CA ILE A 83 -18.44 9.91 1.43
C ILE A 83 -16.97 9.88 0.98
N ASP A 84 -16.69 10.49 -0.17
CA ASP A 84 -15.31 10.51 -0.65
C ASP A 84 -14.42 11.36 0.25
N SER A 85 -14.96 12.42 0.85
CA SER A 85 -14.20 13.20 1.82
C SER A 85 -13.90 12.38 3.06
N VAL A 86 -14.90 11.63 3.54
CA VAL A 86 -14.69 10.75 4.69
C VAL A 86 -13.59 9.74 4.40
N ARG A 87 -13.60 9.18 3.19
CA ARG A 87 -12.56 8.22 2.80
C ARG A 87 -11.18 8.89 2.76
N ARG A 88 -11.08 10.03 2.07
CA ARG A 88 -9.79 10.68 1.88
CA ARG A 88 -9.78 10.66 1.89
C ARG A 88 -9.17 11.10 3.21
N LEU A 89 -10.00 11.43 4.20
CA LEU A 89 -9.48 11.77 5.52
C LEU A 89 -9.12 10.54 6.34
N GLY A 90 -9.23 9.34 5.76
CA GLY A 90 -8.82 8.13 6.43
C GLY A 90 -9.81 7.59 7.44
N LEU A 91 -11.11 7.84 7.24
CA LEU A 91 -12.13 7.47 8.22
C LEU A 91 -13.04 6.35 7.75
N LYS A 92 -12.75 5.73 6.61
CA LYS A 92 -13.63 4.67 6.10
C LYS A 92 -13.72 3.49 7.07
N TYR A 93 -12.66 3.23 7.84
CA TYR A 93 -12.67 2.10 8.76
C TYR A 93 -13.66 2.30 9.90
N GLN A 94 -14.08 3.55 10.15
CA GLN A 94 -15.09 3.80 11.17
C GLN A 94 -16.50 3.57 10.63
N PHE A 95 -16.75 3.91 9.37
CA PHE A 95 -18.09 3.95 8.81
C PHE A 95 -18.24 3.02 7.61
N GLU A 96 -17.67 1.81 7.72
CA GLU A 96 -17.72 0.86 6.61
C GLU A 96 -19.15 0.61 6.15
N THR A 97 -20.02 0.18 7.07
CA THR A 97 -21.35 -0.28 6.69
C THR A 97 -22.23 0.87 6.22
N GLU A 98 -22.15 2.04 6.87
CA GLU A 98 -22.93 3.20 6.45
C GLU A 98 -22.55 3.64 5.04
N MET A 99 -21.24 3.71 4.77
CA MET A 99 -20.79 4.10 3.45
C MET A 99 -21.25 3.08 2.41
N LYS A 100 -21.10 1.78 2.71
CA LYS A 100 -21.53 0.76 1.77
C LYS A 100 -23.03 0.86 1.47
N GLU A 101 -23.84 1.03 2.52
CA GLU A 101 -25.29 1.09 2.32
C GLU A 101 -25.69 2.36 1.57
N ALA A 102 -25.07 3.49 1.89
CA ALA A 102 -25.39 4.73 1.20
C ALA A 102 -25.06 4.64 -0.27
N LEU A 103 -23.88 4.12 -0.61
CA LEU A 103 -23.52 3.97 -2.01
C LEU A 103 -24.38 2.93 -2.71
N ALA A 104 -24.81 1.88 -1.99
CA ALA A 104 -25.65 0.86 -2.59
C ALA A 104 -27.01 1.42 -2.97
N ASN A 105 -27.59 2.26 -2.11
CA ASN A 105 -28.87 2.88 -2.43
C ASN A 105 -28.75 4.03 -3.43
N ILE A 106 -27.60 4.71 -3.47
CA ILE A 106 -27.37 5.66 -4.55
C ILE A 106 -27.32 4.93 -5.89
N SER A 107 -26.68 3.76 -5.92
CA SER A 107 -26.62 2.99 -7.16
C SER A 107 -28.01 2.54 -7.62
N LYS A 108 -28.91 2.30 -6.67
CA LYS A 108 -30.22 1.74 -6.96
C LYS A 108 -31.33 2.78 -7.01
N ASP A 109 -31.00 4.06 -6.91
CA ASP A 109 -32.03 5.08 -7.05
C ASP A 109 -32.59 5.06 -8.46
N GLY A 110 -33.79 5.61 -8.62
CA GLY A 110 -34.51 5.42 -9.86
C GLY A 110 -34.08 6.27 -11.03
N TYR A 111 -33.22 7.27 -10.83
CA TYR A 111 -32.99 8.29 -11.83
C TYR A 111 -31.52 8.68 -11.90
N ASP A 112 -31.10 9.07 -13.10
CA ASP A 112 -29.71 9.42 -13.36
C ASP A 112 -29.51 10.89 -13.76
N SER A 113 -30.54 11.72 -13.58
CA SER A 113 -30.45 13.11 -14.02
C SER A 113 -29.45 13.91 -13.20
N TRP A 114 -29.18 13.50 -11.97
CA TRP A 114 -28.30 14.25 -11.09
C TRP A 114 -26.82 14.10 -11.44
N TRP A 115 -26.45 13.13 -12.29
CA TRP A 115 -25.05 12.98 -12.64
C TRP A 115 -24.81 12.99 -14.14
N VAL A 116 -25.77 12.48 -14.93
CA VAL A 116 -25.59 12.47 -16.37
C VAL A 116 -25.44 13.90 -16.88
N ASP A 117 -24.57 14.08 -17.87
CA ASP A 117 -24.16 15.36 -18.47
C ASP A 117 -23.18 16.11 -17.56
N ASN A 118 -22.87 15.60 -16.37
CA ASN A 118 -21.98 16.26 -15.42
C ASN A 118 -20.75 15.40 -15.25
N LEU A 119 -19.60 15.86 -15.77
CA LEU A 119 -18.39 15.05 -15.76
C LEU A 119 -17.93 14.76 -14.34
N ARG A 120 -17.92 15.78 -13.48
CA ARG A 120 -17.50 15.56 -12.10
C ARG A 120 -18.37 14.50 -11.43
N ALA A 121 -19.69 14.65 -11.55
CA ALA A 121 -20.61 13.71 -10.91
C ALA A 121 -20.49 12.32 -11.52
N THR A 122 -20.43 12.24 -12.86
CA THR A 122 -20.31 10.95 -13.53
C THR A 122 -19.04 10.21 -13.09
N ALA A 123 -17.91 10.92 -13.06
CA ALA A 123 -16.64 10.29 -12.71
C ALA A 123 -16.61 9.90 -11.24
N LEU A 124 -17.09 10.78 -10.35
CA LEU A 124 -17.10 10.44 -8.93
C LEU A 124 -18.01 9.25 -8.66
N ARG A 125 -19.17 9.19 -9.32
CA ARG A 125 -20.06 8.06 -9.14
C ARG A 125 -19.41 6.77 -9.64
N PHE A 126 -18.86 6.80 -10.85
CA PHE A 126 -18.08 5.69 -11.38
C PHE A 126 -17.08 5.18 -10.33
N ARG A 127 -16.21 6.08 -9.86
CA ARG A 127 -15.13 5.66 -8.98
C ARG A 127 -15.66 5.10 -7.66
N LEU A 128 -16.57 5.82 -7.00
CA LEU A 128 -17.01 5.37 -5.68
C LEU A 128 -17.80 4.06 -5.76
N LEU A 129 -18.70 3.94 -6.75
CA LEU A 129 -19.44 2.70 -6.90
C LEU A 129 -18.52 1.54 -7.22
N ARG A 130 -17.56 1.75 -8.12
CA ARG A 130 -16.67 0.67 -8.50
C ARG A 130 -15.69 0.33 -7.39
N GLU A 131 -15.40 1.28 -6.50
CA GLU A 131 -14.64 0.98 -5.29
C GLU A 131 -15.48 0.18 -4.29
N ASN A 132 -16.79 0.40 -4.27
CA ASN A 132 -17.68 -0.33 -3.39
C ASN A 132 -18.05 -1.71 -3.93
N GLY A 133 -17.50 -2.12 -5.07
CA GLY A 133 -17.85 -3.38 -5.65
C GLY A 133 -19.08 -3.37 -6.53
N ILE A 134 -19.60 -2.18 -6.88
CA ILE A 134 -20.75 -2.05 -7.76
C ILE A 134 -20.23 -1.65 -9.13
N PHE A 135 -20.40 -2.53 -10.11
CA PHE A 135 -19.86 -2.28 -11.44
C PHE A 135 -20.56 -1.11 -12.10
N VAL A 136 -19.77 -0.27 -12.76
CA VAL A 136 -20.27 0.81 -13.61
C VAL A 136 -19.53 0.70 -14.94
N PRO A 137 -20.24 0.66 -16.07
CA PRO A 137 -19.54 0.52 -17.35
C PRO A 137 -18.80 1.79 -17.71
N GLN A 138 -17.76 1.63 -18.55
CA GLN A 138 -17.05 2.79 -19.07
C GLN A 138 -17.92 3.61 -20.01
N ASP A 139 -19.03 3.04 -20.50
CA ASP A 139 -19.92 3.74 -21.42
C ASP A 139 -20.34 5.10 -20.91
N VAL A 140 -20.40 5.27 -19.58
CA VAL A 140 -20.89 6.52 -19.01
C VAL A 140 -20.02 7.71 -19.38
N PHE A 141 -18.82 7.48 -19.91
CA PHE A 141 -17.97 8.58 -20.33
C PHE A 141 -18.09 8.91 -21.81
N GLU A 142 -18.79 8.06 -22.59
CA GLU A 142 -18.86 8.27 -24.03
C GLU A 142 -19.51 9.60 -24.38
N ARG A 143 -20.47 10.06 -23.59
CA ARG A 143 -21.12 11.32 -23.92
C ARG A 143 -20.22 12.53 -23.71
N PHE A 144 -19.01 12.34 -23.18
CA PHE A 144 -18.03 13.41 -23.08
C PHE A 144 -16.97 13.31 -24.16
N GLN A 145 -17.16 12.40 -25.12
CA GLN A 145 -16.22 12.18 -26.21
C GLN A 145 -16.83 12.63 -27.53
N ASN A 146 -15.97 13.06 -28.45
CA ASN A 146 -16.38 13.19 -29.84
C ASN A 146 -16.83 11.83 -30.36
N LYS A 147 -18.12 11.72 -30.71
CA LYS A 147 -18.74 10.43 -30.97
C LYS A 147 -18.16 9.71 -32.19
N GLU A 148 -17.27 10.34 -32.94
CA GLU A 148 -16.65 9.71 -34.11
C GLU A 148 -15.25 9.19 -33.81
N THR A 149 -14.39 10.02 -33.24
CA THR A 149 -13.00 9.65 -33.01
C THR A 149 -12.78 8.94 -31.67
N GLY A 150 -13.70 9.09 -30.72
CA GLY A 150 -13.51 8.54 -29.40
C GLY A 150 -12.68 9.40 -28.47
N LYS A 151 -12.19 10.54 -28.92
CA LYS A 151 -11.40 11.43 -28.08
C LYS A 151 -12.32 12.29 -27.22
N PHE A 152 -11.91 12.51 -25.98
CA PHE A 152 -12.64 13.43 -25.12
C PHE A 152 -12.55 14.84 -25.68
N LYS A 153 -13.62 15.60 -25.48
CA LYS A 153 -13.72 16.92 -26.09
C LYS A 153 -12.74 17.89 -25.43
N ASN A 154 -11.91 18.53 -26.26
CA ASN A 154 -10.87 19.42 -25.78
C ASN A 154 -11.42 20.55 -24.91
N GLU A 155 -12.69 20.90 -25.09
CA GLU A 155 -13.30 21.96 -24.30
C GLU A 155 -13.39 21.60 -22.82
N LEU A 156 -13.21 20.33 -22.47
CA LEU A 156 -13.24 19.93 -21.06
C LEU A 156 -12.09 20.53 -20.26
N CYS A 157 -11.07 21.08 -20.92
CA CYS A 157 -10.02 21.80 -20.23
C CYS A 157 -10.54 22.99 -19.43
N GLU A 158 -11.80 23.38 -19.64
CA GLU A 158 -12.43 24.45 -18.88
C GLU A 158 -12.99 23.98 -17.55
N ASP A 159 -12.95 22.67 -17.27
CA ASP A 159 -13.50 22.08 -16.06
C ASP A 159 -12.37 21.34 -15.35
N VAL A 160 -11.66 22.04 -14.46
CA VAL A 160 -10.53 21.43 -13.77
C VAL A 160 -11.00 20.34 -12.81
N LYS A 161 -12.06 20.61 -12.04
CA LYS A 161 -12.55 19.61 -11.09
C LYS A 161 -13.05 18.37 -11.82
N GLY A 162 -13.75 18.55 -12.94
CA GLY A 162 -14.19 17.39 -13.72
C GLY A 162 -13.04 16.61 -14.30
N LEU A 163 -12.00 17.32 -14.76
CA LEU A 163 -10.80 16.64 -15.23
C LEU A 163 -10.14 15.82 -14.12
N LEU A 164 -10.05 16.40 -12.92
CA LEU A 164 -9.47 15.69 -11.79
C LEU A 164 -10.27 14.43 -11.45
N ASN A 165 -11.59 14.54 -11.47
CA ASN A 165 -12.41 13.38 -11.15
C ASN A 165 -12.31 12.31 -12.23
N LEU A 166 -12.24 12.72 -13.50
CA LEU A 166 -12.04 11.74 -14.58
C LEU A 166 -10.70 11.04 -14.43
N TYR A 167 -9.64 11.81 -14.17
CA TYR A 167 -8.31 11.27 -13.89
C TYR A 167 -8.38 10.22 -12.78
N GLU A 168 -8.90 10.61 -11.61
CA GLU A 168 -8.97 9.70 -10.48
C GLU A 168 -9.77 8.44 -10.82
N ALA A 169 -10.91 8.61 -11.49
CA ALA A 169 -11.77 7.46 -11.80
C ALA A 169 -11.11 6.51 -12.78
N SER A 170 -10.21 7.01 -13.64
CA SER A 170 -9.63 6.16 -14.67
C SER A 170 -8.84 5.00 -14.09
N PHE A 171 -8.26 5.16 -12.90
CA PHE A 171 -7.45 4.11 -12.30
C PHE A 171 -8.27 3.04 -11.59
N LEU A 172 -9.59 3.07 -11.73
CA LEU A 172 -10.43 1.94 -11.31
C LEU A 172 -10.73 1.00 -12.46
N GLY A 173 -10.08 1.21 -13.62
CA GLY A 173 -10.40 0.44 -14.80
C GLY A 173 -9.77 -0.94 -14.81
N TRP A 174 -10.22 -1.74 -15.77
CA TRP A 174 -9.73 -3.11 -15.96
C TRP A 174 -9.06 -3.21 -17.32
N GLU A 175 -8.50 -4.38 -17.59
CA GLU A 175 -7.94 -4.65 -18.91
C GLU A 175 -9.04 -4.61 -19.96
N GLY A 176 -8.73 -4.02 -21.11
CA GLY A 176 -9.65 -3.96 -22.21
C GLY A 176 -10.69 -2.86 -22.14
N GLU A 177 -10.61 -1.97 -21.14
CA GLU A 177 -11.52 -0.83 -21.04
C GLU A 177 -10.81 0.39 -21.63
N ASP A 178 -10.87 0.48 -22.96
CA ASP A 178 -10.09 1.47 -23.70
C ASP A 178 -10.51 2.90 -23.38
N ILE A 179 -11.79 3.11 -23.08
CA ILE A 179 -12.26 4.45 -22.75
C ILE A 179 -11.56 4.96 -21.51
N LEU A 180 -11.29 4.08 -20.55
CA LEU A 180 -10.62 4.51 -19.33
C LEU A 180 -9.15 4.79 -19.55
N ASP A 181 -8.48 4.03 -20.41
CA ASP A 181 -7.12 4.36 -20.81
C ASP A 181 -7.07 5.74 -21.46
N GLU A 182 -7.98 5.98 -22.40
CA GLU A 182 -8.05 7.29 -23.05
C GLU A 182 -8.34 8.39 -22.04
N ALA A 183 -9.20 8.11 -21.06
CA ALA A 183 -9.49 9.08 -20.03
C ALA A 183 -8.25 9.42 -19.22
N ARG A 184 -7.47 8.39 -18.85
CA ARG A 184 -6.23 8.64 -18.13
C ARG A 184 -5.31 9.55 -18.95
N THR A 185 -5.02 9.16 -20.19
CA THR A 185 -4.07 9.93 -20.99
C THR A 185 -4.55 11.36 -21.20
N PHE A 186 -5.82 11.53 -21.58
CA PHE A 186 -6.38 12.85 -21.84
C PHE A 186 -6.36 13.71 -20.59
N SER A 187 -6.87 13.18 -19.47
CA SER A 187 -6.94 13.96 -18.25
C SER A 187 -5.56 14.36 -17.76
N THR A 188 -4.59 13.45 -17.83
CA THR A 188 -3.24 13.80 -17.39
C THR A 188 -2.65 14.89 -18.27
N ALA A 189 -2.79 14.75 -19.59
CA ALA A 189 -2.28 15.77 -20.50
C ALA A 189 -2.90 17.14 -20.20
N GLN A 190 -4.23 17.19 -20.09
CA GLN A 190 -4.91 18.48 -19.86
C GLN A 190 -4.56 19.06 -18.50
N LEU A 191 -4.47 18.22 -17.46
CA LEU A 191 -4.18 18.71 -16.12
C LEU A 191 -2.77 19.29 -16.05
N LYS A 192 -1.78 18.59 -16.63
CA LYS A 192 -0.45 19.16 -16.67
C LYS A 192 -0.38 20.41 -17.55
N ASN A 193 -1.21 20.47 -18.59
CA ASN A 193 -1.26 21.69 -19.40
C ASN A 193 -1.68 22.89 -18.56
N VAL A 194 -2.79 22.75 -17.83
CA VAL A 194 -3.37 23.91 -17.13
C VAL A 194 -2.89 24.10 -15.71
N GLU A 195 -2.06 23.19 -15.17
CA GLU A 195 -1.57 23.36 -13.80
C GLU A 195 -0.89 24.71 -13.60
N GLY A 196 -0.14 25.17 -14.61
CA GLY A 196 0.49 26.48 -14.52
C GLY A 196 -0.48 27.64 -14.61
N LYS A 197 -1.66 27.43 -15.20
CA LYS A 197 -2.64 28.49 -15.39
C LYS A 197 -3.65 28.57 -14.25
N ILE A 198 -3.64 27.61 -13.32
CA ILE A 198 -4.50 27.66 -12.15
C ILE A 198 -3.90 28.64 -11.15
N SER A 199 -4.71 29.61 -10.72
CA SER A 199 -4.28 30.63 -9.76
C SER A 199 -4.83 30.42 -8.35
N SER A 200 -5.83 29.58 -8.16
CA SER A 200 -6.16 29.15 -6.81
C SER A 200 -5.07 28.23 -6.31
N PRO A 201 -4.28 28.63 -5.30
CA PRO A 201 -3.19 27.76 -4.85
C PRO A 201 -3.67 26.44 -4.29
N ASN A 202 -4.86 26.40 -3.68
CA ASN A 202 -5.39 25.16 -3.16
C ASN A 202 -5.63 24.15 -4.28
N LEU A 203 -6.30 24.58 -5.35
CA LEU A 203 -6.60 23.66 -6.44
C LEU A 203 -5.34 23.31 -7.23
N ALA A 204 -4.40 24.25 -7.32
CA ALA A 204 -3.11 23.92 -7.92
C ALA A 204 -2.40 22.83 -7.12
N LYS A 205 -2.47 22.92 -5.79
CA LYS A 205 -1.91 21.87 -4.95
C LYS A 205 -2.60 20.54 -5.19
N ILE A 206 -3.94 20.55 -5.28
CA ILE A 206 -4.68 19.32 -5.49
C ILE A 206 -4.31 18.69 -6.83
N VAL A 207 -4.22 19.52 -7.88
CA VAL A 207 -3.89 19.01 -9.21
C VAL A 207 -2.48 18.44 -9.23
N HIS A 208 -1.53 19.16 -8.63
CA HIS A 208 -0.16 18.66 -8.57
C HIS A 208 -0.08 17.34 -7.81
N HIS A 209 -0.80 17.26 -6.68
CA HIS A 209 -0.82 16.04 -5.89
C HIS A 209 -1.38 14.87 -6.69
N ALA A 210 -2.47 15.10 -7.42
CA ALA A 210 -3.06 14.04 -8.23
C ALA A 210 -2.12 13.61 -9.35
N LEU A 211 -1.40 14.57 -9.95
CA LEU A 211 -0.44 14.22 -10.98
C LEU A 211 0.74 13.43 -10.42
N ASP A 212 1.09 13.66 -9.15
CA ASP A 212 2.15 12.87 -8.53
C ASP A 212 1.73 11.40 -8.41
N LEU A 213 0.56 11.15 -7.81
CA LEU A 213 0.01 9.80 -7.65
C LEU A 213 -1.51 9.88 -7.59
N PRO A 214 -2.22 9.06 -8.35
CA PRO A 214 -3.68 9.03 -8.24
C PRO A 214 -4.12 8.56 -6.86
N LEU A 215 -5.32 8.96 -6.48
CA LEU A 215 -5.83 8.64 -5.15
C LEU A 215 -5.91 7.14 -4.93
N HIS A 216 -6.24 6.38 -5.98
CA HIS A 216 -6.35 4.93 -5.88
C HIS A 216 -5.04 4.28 -5.47
N TRP A 217 -3.90 4.93 -5.72
CA TRP A 217 -2.59 4.36 -5.47
C TRP A 217 -1.93 4.89 -4.21
N ARG A 218 -2.62 5.70 -3.41
CA ARG A 218 -1.98 6.41 -2.31
C ARG A 218 -2.23 5.70 -0.99
N ALA A 219 -1.18 5.64 -0.16
CA ALA A 219 -1.29 5.05 1.16
C ALA A 219 -2.26 5.85 2.02
N ILE A 220 -3.14 5.14 2.72
CA ILE A 220 -4.34 5.77 3.29
C ILE A 220 -3.97 6.76 4.39
N ARG A 221 -3.08 6.38 5.30
CA ARG A 221 -2.81 7.17 6.49
C ARG A 221 -2.09 8.48 6.15
N TYR A 222 -1.03 8.39 5.35
CA TYR A 222 -0.31 9.59 4.94
C TYR A 222 -1.20 10.52 4.11
N GLU A 223 -2.00 9.93 3.22
CA GLU A 223 -2.93 10.71 2.44
C GLU A 223 -3.95 11.41 3.33
N ALA A 224 -4.37 10.74 4.41
CA ALA A 224 -5.28 11.37 5.36
C ALA A 224 -4.64 12.58 6.01
N ARG A 225 -3.38 12.45 6.41
CA ARG A 225 -2.70 13.60 7.02
C ARG A 225 -2.62 14.78 6.06
N TRP A 226 -2.32 14.50 4.78
CA TRP A 226 -2.29 15.57 3.78
C TRP A 226 -3.67 16.19 3.59
N PHE A 227 -4.69 15.35 3.43
CA PHE A 227 -6.00 15.84 3.07
C PHE A 227 -6.74 16.50 4.21
N ILE A 228 -6.32 16.30 5.47
CA ILE A 228 -6.91 17.11 6.54
C ILE A 228 -6.66 18.59 6.27
N ASP A 229 -5.39 18.96 6.06
CA ASP A 229 -5.05 20.34 5.75
C ASP A 229 -5.69 20.78 4.44
N ILE A 230 -5.74 19.90 3.45
CA ILE A 230 -6.37 20.30 2.18
C ILE A 230 -7.86 20.56 2.36
N TYR A 231 -8.56 19.65 3.04
CA TYR A 231 -10.00 19.73 3.21
C TYR A 231 -10.42 20.93 4.03
N GLU A 232 -9.59 21.33 5.00
CA GLU A 232 -9.93 22.52 5.80
C GLU A 232 -10.17 23.75 4.95
N ASP A 233 -9.69 23.78 3.70
CA ASP A 233 -9.84 24.93 2.83
C ASP A 233 -10.78 24.67 1.65
N GLU A 234 -11.52 23.57 1.65
CA GLU A 234 -12.41 23.29 0.54
C GLU A 234 -13.71 24.08 0.66
N GLU A 235 -14.40 24.24 -0.47
CA GLU A 235 -15.57 25.11 -0.53
C GLU A 235 -16.68 24.63 0.39
N ASP A 236 -17.21 23.44 0.11
CA ASP A 236 -18.28 22.89 0.94
C ASP A 236 -17.73 22.06 2.10
N MET A 237 -16.79 22.65 2.84
CA MET A 237 -16.13 21.93 3.92
C MET A 237 -17.07 21.79 5.11
N ASN A 238 -17.13 20.58 5.66
CA ASN A 238 -17.98 20.30 6.81
C ASN A 238 -17.12 20.31 8.06
N PRO A 239 -17.33 21.24 8.99
CA PRO A 239 -16.43 21.34 10.15
C PRO A 239 -16.55 20.19 11.13
N THR A 240 -17.74 19.60 11.29
CA THR A 240 -17.87 18.41 12.14
C THR A 240 -16.94 17.30 11.66
N LEU A 241 -16.96 17.02 10.36
CA LEU A 241 -16.12 15.97 9.80
C LEU A 241 -14.64 16.31 9.97
N LEU A 242 -14.27 17.57 9.79
CA LEU A 242 -12.87 17.97 9.93
C LEU A 242 -12.39 17.79 11.37
N LYS A 243 -13.19 18.24 12.33
CA LYS A 243 -12.83 18.08 13.73
C LYS A 243 -12.70 16.62 14.12
N TYR A 244 -13.65 15.79 13.68
CA TYR A 244 -13.56 14.37 13.98
C TYR A 244 -12.33 13.75 13.33
N ALA A 245 -12.01 14.18 12.11
CA ALA A 245 -10.82 13.68 11.43
C ALA A 245 -9.56 13.96 12.24
N LYS A 246 -9.42 15.21 12.68
CA LYS A 246 -8.23 15.59 13.44
C LYS A 246 -8.13 14.82 14.76
N LEU A 247 -9.25 14.72 15.49
CA LEU A 247 -9.22 14.04 16.78
C LEU A 247 -8.92 12.55 16.62
N ASP A 248 -9.63 11.88 15.70
CA ASP A 248 -9.39 10.46 15.44
C ASP A 248 -7.94 10.24 15.00
N PHE A 249 -7.39 11.16 14.21
CA PHE A 249 -6.00 11.05 13.79
C PHE A 249 -5.07 11.06 14.98
N ASN A 250 -5.28 12.00 15.91
CA ASN A 250 -4.40 12.06 17.08
C ASN A 250 -4.49 10.80 17.93
N ILE A 251 -5.70 10.25 18.07
CA ILE A 251 -5.86 9.04 18.88
C ILE A 251 -5.12 7.86 18.25
N VAL A 252 -5.34 7.66 16.95
CA VAL A 252 -4.66 6.57 16.24
C VAL A 252 -3.15 6.78 16.31
N GLN A 253 -2.71 8.04 16.25
CA GLN A 253 -1.29 8.35 16.38
C GLN A 253 -0.75 7.97 17.75
N SER A 254 -1.57 8.12 18.80
CA SER A 254 -1.13 7.67 20.11
C SER A 254 -0.88 6.17 20.13
N PHE A 255 -1.82 5.39 19.57
CA PHE A 255 -1.56 3.95 19.43
C PHE A 255 -0.25 3.70 18.68
N HIS A 256 -0.06 4.41 17.57
CA HIS A 256 1.13 4.23 16.75
C HIS A 256 2.40 4.51 17.55
N GLN A 257 2.37 5.54 18.39
CA GLN A 257 3.56 5.90 19.16
C GLN A 257 3.89 4.84 20.20
N ALA A 258 2.86 4.28 20.85
CA ALA A 258 3.11 3.16 21.77
C ALA A 258 3.75 1.99 21.03
N GLU A 259 3.23 1.67 19.85
CA GLU A 259 3.80 0.58 19.04
C GLU A 259 5.25 0.87 18.68
N ILE A 260 5.55 2.11 18.30
CA ILE A 260 6.91 2.47 17.92
C ILE A 260 7.86 2.33 19.11
N GLY A 261 7.40 2.74 20.30
CA GLY A 261 8.23 2.55 21.49
C GLY A 261 8.58 1.10 21.71
N ARG A 262 7.58 0.22 21.70
CA ARG A 262 7.85 -1.21 21.91
C ARG A 262 8.77 -1.76 20.84
N LEU A 263 8.53 -1.40 19.57
CA LEU A 263 9.34 -1.95 18.49
C LEU A 263 10.78 -1.45 18.55
N ALA A 264 10.99 -0.19 18.92
CA ALA A 264 12.34 0.32 19.08
C ALA A 264 13.07 -0.38 20.21
N ARG A 265 12.37 -0.64 21.32
CA ARG A 265 12.99 -1.40 22.40
C ARG A 265 13.43 -2.79 21.92
N TRP A 266 12.52 -3.52 21.27
CA TRP A 266 12.87 -4.82 20.72
C TRP A 266 14.06 -4.74 19.77
N TRP A 267 14.04 -3.75 18.88
CA TRP A 267 15.06 -3.63 17.84
C TRP A 267 16.43 -3.33 18.43
N VAL A 268 16.48 -2.52 19.49
CA VAL A 268 17.75 -2.32 20.19
C VAL A 268 18.17 -3.59 20.90
N GLY A 269 17.20 -4.33 21.46
CA GLY A 269 17.52 -5.59 22.10
C GLY A 269 18.11 -6.62 21.14
N THR A 270 17.77 -6.51 19.86
CA THR A 270 18.40 -7.37 18.86
C THR A 270 19.83 -6.95 18.55
N GLY A 271 20.20 -5.70 18.83
CA GLY A 271 21.50 -5.19 18.45
C GLY A 271 21.70 -4.98 16.97
N LEU A 272 20.67 -5.23 16.15
CA LEU A 272 20.81 -5.13 14.70
C LEU A 272 20.93 -3.67 14.24
N ASP A 273 20.55 -2.71 15.09
CA ASP A 273 20.75 -1.31 14.74
C ASP A 273 22.23 -0.98 14.60
N LYS A 274 23.09 -1.68 15.34
CA LYS A 274 24.52 -1.41 15.35
C LYS A 274 25.30 -2.19 14.31
N LEU A 275 24.62 -2.71 13.29
CA LEU A 275 25.34 -3.37 12.19
C LEU A 275 25.92 -2.31 11.26
N PRO A 276 27.21 -2.37 10.94
CA PRO A 276 27.79 -1.33 10.08
C PRO A 276 27.33 -1.43 8.63
N PHE A 277 27.20 -2.64 8.10
CA PHE A 277 26.92 -2.84 6.68
C PHE A 277 25.49 -3.32 6.43
N ALA A 278 24.57 -2.98 7.31
CA ALA A 278 23.17 -3.35 7.15
C ALA A 278 22.31 -2.13 7.48
N ARG A 279 21.30 -1.89 6.63
CA ARG A 279 20.41 -0.75 6.85
C ARG A 279 19.73 -0.85 8.21
N ASN A 280 19.59 0.29 8.88
CA ASN A 280 18.87 0.38 10.14
C ASN A 280 17.42 0.68 9.82
N GLY A 281 16.68 -0.38 9.47
CA GLY A 281 15.38 -0.22 8.83
C GLY A 281 14.15 -0.44 9.67
N LEU A 282 14.27 -0.30 11.00
CA LEU A 282 13.10 -0.51 11.86
C LEU A 282 12.00 0.49 11.57
N ILE A 283 12.34 1.79 11.55
CA ILE A 283 11.32 2.81 11.35
C ILE A 283 10.81 2.79 9.91
N GLN A 284 11.68 2.45 8.94
CA GLN A 284 11.22 2.31 7.56
C GLN A 284 10.20 1.19 7.43
N SER A 285 10.48 0.04 8.06
CA SER A 285 9.56 -1.08 8.01
C SER A 285 8.25 -0.77 8.71
N TYR A 286 8.32 -0.06 9.84
CA TYR A 286 7.08 0.34 10.51
C TYR A 286 6.26 1.30 9.66
N MET A 287 6.93 2.17 8.90
CA MET A 287 6.19 3.06 7.99
C MET A 287 5.53 2.27 6.86
N TYR A 288 6.25 1.30 6.29
CA TYR A 288 5.65 0.35 5.37
C TYR A 288 4.39 -0.27 5.97
N ALA A 289 4.50 -0.78 7.20
CA ALA A 289 3.39 -1.47 7.85
C ALA A 289 2.21 -0.52 8.07
N ILE A 290 2.49 0.73 8.43
CA ILE A 290 1.43 1.73 8.54
C ILE A 290 0.72 1.88 7.21
N GLY A 291 1.48 1.93 6.12
CA GLY A 291 0.85 1.92 4.80
C GLY A 291 0.00 0.68 4.57
N MET A 292 0.45 -0.46 5.09
CA MET A 292 -0.27 -1.72 4.93
C MET A 292 -1.53 -1.75 5.79
N LEU A 293 -1.43 -1.31 7.04
CA LEU A 293 -2.55 -1.36 7.97
C LEU A 293 -2.28 -0.36 9.09
N PHE A 294 -3.24 0.53 9.34
CA PHE A 294 -3.09 1.56 10.36
C PHE A 294 -4.13 1.48 11.46
N GLU A 295 -5.12 0.59 11.35
CA GLU A 295 -6.17 0.52 12.36
C GLU A 295 -5.57 0.15 13.72
N PRO A 296 -5.97 0.83 14.79
CA PRO A 296 -5.47 0.45 16.13
C PRO A 296 -5.78 -0.99 16.51
N HIS A 297 -6.97 -1.50 16.15
CA HIS A 297 -7.33 -2.86 16.54
CA HIS A 297 -7.36 -2.86 16.50
C HIS A 297 -6.47 -3.91 15.83
N LEU A 298 -5.65 -3.53 14.87
CA LEU A 298 -4.72 -4.45 14.21
C LEU A 298 -3.29 -4.26 14.70
N GLY A 299 -3.09 -3.44 15.73
CA GLY A 299 -1.78 -3.09 16.25
C GLY A 299 -0.80 -4.24 16.37
N GLU A 300 -1.19 -5.29 17.11
CA GLU A 300 -0.27 -6.41 17.30
C GLU A 300 0.19 -6.97 15.97
N VAL A 301 -0.74 -7.21 15.04
CA VAL A 301 -0.38 -7.67 13.71
C VAL A 301 0.67 -6.74 13.10
N ARG A 302 0.38 -5.43 13.11
CA ARG A 302 1.35 -4.43 12.66
C ARG A 302 2.73 -4.71 13.21
N GLU A 303 2.83 -4.80 14.54
CA GLU A 303 4.13 -4.96 15.16
C GLU A 303 4.87 -6.13 14.54
N MET A 304 4.18 -7.27 14.42
CA MET A 304 4.82 -8.45 13.84
C MET A 304 5.22 -8.17 12.40
N GLU A 305 4.29 -7.65 11.60
CA GLU A 305 4.63 -7.23 10.24
C GLU A 305 5.85 -6.33 10.27
N ALA A 306 5.82 -5.29 11.11
CA ALA A 306 6.96 -4.39 11.22
C ALA A 306 8.23 -5.17 11.48
N LYS A 307 8.20 -6.04 12.49
CA LYS A 307 9.36 -6.87 12.81
C LYS A 307 9.87 -7.55 11.54
N VAL A 308 8.99 -8.29 10.86
CA VAL A 308 9.42 -9.04 9.69
C VAL A 308 10.03 -8.09 8.67
N GLY A 309 9.38 -6.96 8.42
CA GLY A 309 9.91 -6.00 7.47
C GLY A 309 11.33 -5.61 7.82
N ALA A 310 11.55 -5.24 9.08
CA ALA A 310 12.90 -4.89 9.51
C ALA A 310 13.87 -5.99 9.14
N LEU A 311 13.54 -7.22 9.55
CA LEU A 311 14.46 -8.32 9.30
C LEU A 311 14.68 -8.51 7.81
N ILE A 312 13.62 -8.34 7.01
CA ILE A 312 13.76 -8.43 5.56
C ILE A 312 14.87 -7.47 5.11
N THR A 313 14.72 -6.18 5.44
CA THR A 313 15.68 -5.20 4.97
C THR A 313 17.07 -5.46 5.53
N THR A 314 17.17 -6.13 6.68
CA THR A 314 18.49 -6.50 7.17
C THR A 314 19.05 -7.66 6.37
N ILE A 315 18.27 -8.74 6.21
CA ILE A 315 18.84 -9.95 5.63
C ILE A 315 19.18 -9.71 4.17
N ASP A 316 18.33 -8.96 3.47
CA ASP A 316 18.63 -8.55 2.09
C ASP A 316 20.01 -7.93 2.00
N ASP A 317 20.34 -7.03 2.93
CA ASP A 317 21.68 -6.42 2.90
C ASP A 317 22.76 -7.47 3.13
N VAL A 318 22.53 -8.38 4.08
CA VAL A 318 23.44 -9.50 4.26
C VAL A 318 23.69 -10.21 2.93
N TYR A 319 22.64 -10.33 2.12
CA TYR A 319 22.78 -10.98 0.83
C TYR A 319 23.23 -10.03 -0.27
N ASP A 320 22.98 -8.73 -0.13
CA ASP A 320 23.31 -7.78 -1.20
C ASP A 320 24.60 -7.02 -0.94
N VAL A 321 25.06 -6.93 0.30
CA VAL A 321 26.12 -5.99 0.63
C VAL A 321 27.34 -6.70 1.21
N TYR A 322 27.19 -7.31 2.38
CA TYR A 322 28.33 -7.83 3.14
C TYR A 322 28.09 -9.31 3.45
N GLY A 323 28.55 -10.16 2.56
CA GLY A 323 28.45 -11.58 2.80
C GLY A 323 29.09 -12.46 1.74
N THR A 324 29.93 -13.40 2.18
CA THR A 324 30.51 -14.38 1.28
C THR A 324 29.42 -15.31 0.74
N MET A 325 29.61 -15.77 -0.49
CA MET A 325 28.68 -16.77 -1.01
C MET A 325 28.69 -18.05 -0.18
N GLU A 326 29.86 -18.42 0.36
CA GLU A 326 29.91 -19.51 1.32
C GLU A 326 29.08 -19.18 2.56
N GLU A 327 29.24 -17.97 3.09
CA GLU A 327 28.45 -17.53 4.23
C GLU A 327 26.96 -17.54 3.90
N LEU A 328 26.60 -17.02 2.72
CA LEU A 328 25.19 -16.97 2.36
C LEU A 328 24.64 -18.34 2.00
N GLU A 329 25.46 -19.20 1.40
CA GLU A 329 25.03 -20.58 1.17
C GLU A 329 24.71 -21.27 2.48
N LEU A 330 25.57 -21.07 3.50
CA LEU A 330 25.30 -21.65 4.81
C LEU A 330 24.06 -21.04 5.45
N PHE A 331 23.90 -19.71 5.33
CA PHE A 331 22.67 -19.04 5.76
C PHE A 331 21.44 -19.72 5.17
N THR A 332 21.44 -19.91 3.85
CA THR A 332 20.29 -20.50 3.17
C THR A 332 20.06 -21.94 3.61
N ASP A 333 21.14 -22.72 3.75
CA ASP A 333 20.99 -24.11 4.17
C ASP A 333 20.39 -24.20 5.58
N ILE A 334 20.91 -23.39 6.50
CA ILE A 334 20.41 -23.37 7.87
C ILE A 334 18.93 -22.99 7.88
N THR A 335 18.55 -21.98 7.08
CA THR A 335 17.16 -21.55 7.07
C THR A 335 16.25 -22.62 6.46
N GLU A 336 16.69 -23.27 5.37
CA GLU A 336 15.89 -24.33 4.76
C GLU A 336 15.70 -25.51 5.71
N ARG A 337 16.72 -25.83 6.50
CA ARG A 337 16.61 -26.94 7.43
C ARG A 337 16.02 -26.54 8.78
N TRP A 338 15.80 -25.25 9.00
CA TRP A 338 15.35 -24.71 10.28
C TRP A 338 16.11 -25.36 11.43
N ASP A 339 17.43 -25.22 11.37
CA ASP A 339 18.34 -25.95 12.25
C ASP A 339 19.55 -25.06 12.46
N ILE A 340 19.65 -24.46 13.65
CA ILE A 340 20.67 -23.45 13.94
C ILE A 340 21.88 -24.10 14.61
N ASN A 341 21.99 -25.42 14.48
CA ASN A 341 23.04 -26.16 15.19
C ASN A 341 24.44 -25.84 14.68
N ARG A 342 24.56 -25.43 13.41
CA ARG A 342 25.85 -25.07 12.83
C ARG A 342 26.01 -23.57 12.63
N VAL A 343 25.25 -22.76 13.39
CA VAL A 343 25.23 -21.32 13.16
C VAL A 343 26.52 -20.65 13.62
N ASP A 344 27.27 -21.27 14.55
CA ASP A 344 28.48 -20.65 15.05
C ASP A 344 29.61 -20.63 14.03
N GLN A 345 29.46 -21.33 12.90
CA GLN A 345 30.45 -21.22 11.83
C GLN A 345 30.42 -19.86 11.16
N LEU A 346 29.44 -19.02 11.45
CA LEU A 346 29.24 -17.70 10.87
C LEU A 346 29.77 -16.62 11.79
N PRO A 347 30.38 -15.57 11.22
CA PRO A 347 30.79 -14.44 12.06
C PRO A 347 29.59 -13.76 12.69
N ARG A 348 29.78 -13.29 13.92
CA ARG A 348 28.67 -12.87 14.76
C ARG A 348 27.83 -11.77 14.09
N ASN A 349 28.44 -10.97 13.21
CA ASN A 349 27.67 -9.94 12.52
C ASN A 349 26.68 -10.55 11.52
N ILE A 350 26.84 -11.81 11.16
CA ILE A 350 25.88 -12.52 10.33
C ILE A 350 25.06 -13.45 11.23
N ARG A 351 25.70 -13.95 12.29
CA ARG A 351 25.00 -14.84 13.21
C ARG A 351 23.86 -14.12 13.93
N MET A 352 23.98 -12.81 14.16
CA MET A 352 22.92 -12.10 14.86
C MET A 352 21.69 -11.89 13.99
N PRO A 353 21.80 -11.45 12.72
CA PRO A 353 20.58 -11.38 11.90
C PRO A 353 19.94 -12.72 11.65
N LEU A 354 20.72 -13.78 11.41
CA LEU A 354 20.15 -15.10 11.20
C LEU A 354 19.34 -15.55 12.41
N LEU A 355 19.95 -15.45 13.60
CA LEU A 355 19.26 -15.91 14.80
C LEU A 355 18.11 -15.00 15.17
N THR A 356 18.18 -13.71 14.85
CA THR A 356 17.03 -12.84 15.08
C THR A 356 15.88 -13.22 14.17
N MET A 357 16.17 -13.49 12.89
CA MET A 357 15.15 -14.05 11.98
C MET A 357 14.54 -15.31 12.57
N PHE A 358 15.39 -16.24 12.99
CA PHE A 358 14.95 -17.52 13.54
C PHE A 358 14.02 -17.32 14.73
N ASN A 359 14.46 -16.53 15.71
CA ASN A 359 13.71 -16.37 16.95
C ASN A 359 12.44 -15.56 16.72
N THR A 360 12.50 -14.52 15.89
CA THR A 360 11.27 -13.77 15.61
C THR A 360 10.28 -14.62 14.83
N SER A 361 10.76 -15.46 13.91
CA SER A 361 9.88 -16.36 13.20
C SER A 361 9.20 -17.32 14.15
N ASN A 362 9.97 -17.91 15.07
CA ASN A 362 9.39 -18.82 16.05
C ASN A 362 8.42 -18.08 16.98
N ASP A 363 8.75 -16.84 17.33
CA ASP A 363 7.86 -16.04 18.18
C ASP A 363 6.52 -15.79 17.49
N ILE A 364 6.56 -15.47 16.20
CA ILE A 364 5.31 -15.17 15.48
C ILE A 364 4.49 -16.43 15.28
N GLY A 365 5.15 -17.54 14.90
CA GLY A 365 4.45 -18.80 14.80
C GLY A 365 3.83 -19.22 16.12
N TYR A 366 4.52 -18.94 17.23
CA TYR A 366 3.97 -19.28 18.54
C TYR A 366 2.84 -18.35 18.93
N TRP A 367 2.93 -17.06 18.59
CA TRP A 367 1.79 -16.18 18.75
C TRP A 367 0.57 -16.75 18.04
N ALA A 368 0.77 -17.27 16.84
CA ALA A 368 -0.32 -17.91 16.12
C ALA A 368 -0.82 -19.15 16.88
N LEU A 369 0.10 -19.99 17.33
CA LEU A 369 -0.27 -21.20 18.07
C LEU A 369 -1.11 -20.85 19.31
N LYS A 370 -0.74 -19.78 20.00
CA LYS A 370 -1.37 -19.44 21.27
C LYS A 370 -2.69 -18.72 21.06
N GLU A 371 -2.71 -17.67 20.24
CA GLU A 371 -3.90 -16.85 20.11
C GLU A 371 -4.89 -17.38 19.09
N ARG A 372 -4.43 -18.12 18.08
CA ARG A 372 -5.29 -18.68 17.06
C ARG A 372 -5.32 -20.20 17.05
N GLY A 373 -4.63 -20.85 17.99
CA GLY A 373 -4.67 -22.29 18.08
C GLY A 373 -4.03 -23.03 16.92
N PHE A 374 -3.08 -22.40 16.23
CA PHE A 374 -2.49 -22.98 15.03
C PHE A 374 -1.01 -22.61 14.98
N ASN A 375 -0.14 -23.63 14.98
CA ASN A 375 1.30 -23.42 14.96
C ASN A 375 1.72 -22.85 13.61
N GLY A 376 2.04 -21.56 13.58
CA GLY A 376 2.48 -20.90 12.37
C GLY A 376 3.96 -20.98 12.08
N ILE A 377 4.74 -21.60 12.97
CA ILE A 377 6.19 -21.68 12.76
C ILE A 377 6.56 -22.33 11.44
N PRO A 378 5.96 -23.47 11.03
CA PRO A 378 6.34 -24.02 9.72
C PRO A 378 6.12 -23.07 8.56
N TYR A 379 5.15 -22.16 8.65
CA TYR A 379 4.88 -21.27 7.53
C TYR A 379 5.80 -20.05 7.52
N THR A 380 6.13 -19.50 8.69
CA THR A 380 7.15 -18.46 8.72
C THR A 380 8.49 -19.02 8.27
N ALA A 381 8.82 -20.24 8.72
CA ALA A 381 10.03 -20.90 8.24
C ALA A 381 9.99 -21.11 6.73
N LYS A 382 8.84 -21.52 6.20
CA LYS A 382 8.73 -21.77 4.76
C LYS A 382 8.92 -20.49 3.96
N VAL A 383 8.27 -19.41 4.38
CA VAL A 383 8.35 -18.17 3.61
C VAL A 383 9.76 -17.58 3.69
N TRP A 384 10.42 -17.70 4.84
CA TRP A 384 11.79 -17.23 4.93
C TRP A 384 12.74 -18.09 4.09
N ALA A 385 12.52 -19.41 4.09
CA ALA A 385 13.33 -20.27 3.24
C ALA A 385 13.15 -19.93 1.77
N ASP A 386 11.90 -19.72 1.33
CA ASP A 386 11.64 -19.36 -0.06
C ASP A 386 12.30 -18.02 -0.42
N GLN A 387 12.17 -17.04 0.47
CA GLN A 387 12.77 -15.73 0.20
C GLN A 387 14.29 -15.82 0.13
N LEU A 388 14.90 -16.64 0.97
CA LEU A 388 16.36 -16.80 0.90
C LEU A 388 16.77 -17.58 -0.34
N LYS A 389 15.95 -18.52 -0.80
CA LYS A 389 16.25 -19.17 -2.08
C LYS A 389 16.17 -18.18 -3.23
N SER A 390 15.25 -17.22 -3.16
CA SER A 390 15.19 -16.17 -4.20
C SER A 390 16.42 -15.28 -4.13
N TYR A 391 16.80 -14.85 -2.93
CA TYR A 391 18.05 -14.12 -2.74
C TYR A 391 19.22 -14.89 -3.32
N THR A 392 19.24 -16.21 -3.12
CA THR A 392 20.34 -17.04 -3.58
C THR A 392 20.39 -17.11 -5.10
N LYS A 393 19.23 -17.29 -5.73
CA LYS A 393 19.19 -17.28 -7.20
C LYS A 393 19.67 -15.93 -7.73
N GLU A 394 19.31 -14.83 -7.06
CA GLU A 394 19.77 -13.51 -7.52
C GLU A 394 21.28 -13.37 -7.40
N ALA A 395 21.83 -13.71 -6.23
CA ALA A 395 23.27 -13.57 -6.01
C ALA A 395 24.06 -14.49 -6.95
N LYS A 396 23.54 -15.70 -7.20
CA LYS A 396 24.20 -16.63 -8.10
C LYS A 396 24.14 -16.13 -9.54
N TRP A 397 23.02 -15.52 -9.94
CA TRP A 397 22.97 -14.89 -11.26
C TRP A 397 24.03 -13.80 -11.40
N PHE A 398 24.14 -12.93 -10.40
CA PHE A 398 25.15 -11.87 -10.45
C PHE A 398 26.54 -12.45 -10.61
N HIS A 399 26.90 -13.38 -9.71
CA HIS A 399 28.23 -13.97 -9.81
C HIS A 399 28.46 -14.65 -11.16
N GLU A 400 27.41 -15.29 -11.70
CA GLU A 400 27.50 -15.95 -12.99
C GLU A 400 27.52 -14.95 -14.15
N GLY A 401 27.15 -13.70 -13.90
CA GLY A 401 26.97 -12.77 -14.99
C GLY A 401 25.75 -13.09 -15.82
N HIS A 402 24.77 -13.77 -15.24
CA HIS A 402 23.57 -14.14 -15.97
C HIS A 402 22.69 -12.92 -16.22
N LYS A 403 22.01 -12.92 -17.35
CA LYS A 403 21.13 -11.83 -17.74
C LYS A 403 19.78 -12.42 -18.13
N PRO A 404 18.86 -12.52 -17.17
CA PRO A 404 17.57 -13.14 -17.43
C PRO A 404 16.64 -12.22 -18.20
N THR A 405 15.65 -12.83 -18.84
CA THR A 405 14.55 -12.05 -19.39
C THR A 405 13.79 -11.35 -18.27
N LEU A 406 12.97 -10.37 -18.65
CA LEU A 406 12.18 -9.67 -17.65
C LEU A 406 11.24 -10.62 -16.93
N GLU A 407 10.67 -11.59 -17.66
CA GLU A 407 9.72 -12.52 -17.07
C GLU A 407 10.40 -13.42 -16.03
N GLU A 408 11.56 -13.99 -16.38
CA GLU A 408 12.31 -14.82 -15.43
C GLU A 408 12.70 -14.03 -14.19
N TYR A 409 13.28 -12.85 -14.41
CA TYR A 409 13.61 -11.96 -13.31
C TYR A 409 12.41 -11.72 -12.40
N LEU A 410 11.26 -11.40 -13.00
CA LEU A 410 10.07 -11.09 -12.19
C LEU A 410 9.56 -12.31 -11.45
N GLU A 411 9.62 -13.48 -12.07
CA GLU A 411 9.23 -14.71 -11.39
C GLU A 411 10.04 -14.91 -10.11
N ASN A 412 11.33 -14.58 -10.16
CA ASN A 412 12.11 -14.65 -8.92
C ASN A 412 11.90 -13.44 -8.00
N ALA A 413 11.67 -12.27 -8.59
CA ALA A 413 11.73 -11.01 -7.86
C ALA A 413 10.44 -10.66 -7.14
N LEU A 414 9.30 -11.22 -7.57
CA LEU A 414 8.10 -11.07 -6.79
C LEU A 414 8.23 -11.78 -5.45
N VAL A 415 9.08 -12.80 -5.39
CA VAL A 415 9.39 -13.44 -4.11
C VAL A 415 10.49 -12.67 -3.38
N SER A 416 11.54 -12.27 -4.10
CA SER A 416 12.66 -11.61 -3.42
C SER A 416 12.28 -10.27 -2.82
N ILE A 417 11.20 -9.64 -3.29
CA ILE A 417 10.79 -8.34 -2.75
C ILE A 417 10.31 -8.47 -1.30
N GLY A 418 9.89 -9.67 -0.90
CA GLY A 418 9.59 -9.96 0.50
C GLY A 418 8.12 -9.95 0.85
N PHE A 419 7.27 -9.43 -0.02
CA PHE A 419 5.85 -9.33 0.28
C PHE A 419 5.09 -10.67 0.26
N PRO A 420 5.52 -11.70 -0.46
CA PRO A 420 4.97 -13.04 -0.14
C PRO A 420 5.11 -13.37 1.33
N ASN A 421 6.31 -13.16 1.89
CA ASN A 421 6.56 -13.35 3.32
C ASN A 421 5.58 -12.55 4.17
N LEU A 422 5.55 -11.23 3.95
CA LEU A 422 4.74 -10.34 4.79
C LEU A 422 3.25 -10.66 4.67
N LEU A 423 2.77 -10.92 3.45
CA LEU A 423 1.34 -11.13 3.25
C LEU A 423 0.89 -12.48 3.78
N VAL A 424 1.68 -13.53 3.54
CA VAL A 424 1.36 -14.84 4.11
C VAL A 424 1.40 -14.76 5.63
N THR A 425 2.30 -13.94 6.19
CA THR A 425 2.32 -13.77 7.64
C THR A 425 1.05 -13.09 8.13
N SER A 426 0.64 -12.02 7.45
CA SER A 426 -0.58 -11.32 7.84
C SER A 426 -1.81 -12.23 7.73
N TYR A 427 -1.82 -13.09 6.72
CA TYR A 427 -2.93 -14.03 6.56
C TYR A 427 -2.93 -15.05 7.69
N LEU A 428 -1.78 -15.68 7.94
CA LEU A 428 -1.61 -16.55 9.11
C LEU A 428 -2.17 -15.90 10.37
N LEU A 429 -1.81 -14.63 10.60
CA LEU A 429 -2.15 -13.97 11.85
C LEU A 429 -3.60 -13.51 11.94
N THR A 430 -4.30 -13.35 10.80
CA THR A 430 -5.65 -12.79 10.84
C THR A 430 -6.77 -13.71 10.35
N VAL A 431 -6.47 -14.81 9.66
CA VAL A 431 -7.54 -15.60 9.06
C VAL A 431 -8.31 -16.36 10.15
N ASP A 432 -9.61 -16.52 9.92
CA ASP A 432 -10.44 -17.30 10.83
C ASP A 432 -10.18 -18.79 10.63
N ASN A 433 -9.98 -19.51 11.74
CA ASN A 433 -9.76 -20.95 11.74
C ASN A 433 -8.65 -21.33 10.77
N PRO A 434 -7.39 -21.02 11.07
CA PRO A 434 -6.31 -21.33 10.13
C PRO A 434 -6.14 -22.83 9.94
N THR A 435 -5.84 -23.23 8.71
CA THR A 435 -5.60 -24.62 8.38
C THR A 435 -4.36 -24.73 7.50
N LYS A 436 -3.86 -25.95 7.39
CA LYS A 436 -2.79 -26.24 6.46
C LYS A 436 -3.22 -25.93 5.02
N GLU A 437 -4.50 -26.15 4.71
CA GLU A 437 -4.98 -25.99 3.35
C GLU A 437 -5.09 -24.51 2.97
N LYS A 438 -5.70 -23.70 3.84
CA LYS A 438 -5.77 -22.26 3.60
C LYS A 438 -4.37 -21.66 3.44
N LEU A 439 -3.44 -22.04 4.33
CA LEU A 439 -2.08 -21.52 4.27
C LEU A 439 -1.38 -21.95 3.00
N ASP A 440 -1.53 -23.22 2.60
CA ASP A 440 -0.95 -23.67 1.33
C ASP A 440 -1.51 -22.88 0.16
N TYR A 441 -2.82 -22.60 0.18
CA TYR A 441 -3.42 -21.89 -0.94
C TYR A 441 -2.89 -20.46 -1.03
N VAL A 442 -2.78 -19.77 0.11
CA VAL A 442 -2.29 -18.39 0.05
C VAL A 442 -0.80 -18.37 -0.31
N ASP A 443 -0.03 -19.34 0.20
CA ASP A 443 1.40 -19.39 -0.09
C ASP A 443 1.69 -19.88 -1.51
N SER A 444 0.70 -20.46 -2.19
CA SER A 444 0.85 -20.75 -3.61
C SER A 444 0.83 -19.49 -4.47
N LEU A 445 0.52 -18.34 -3.87
CA LEU A 445 0.45 -17.04 -4.53
C LEU A 445 -0.55 -17.04 -5.69
N PRO A 446 -1.85 -17.14 -5.40
CA PRO A 446 -2.84 -17.00 -6.48
C PRO A 446 -2.82 -15.60 -7.08
N LEU A 447 -3.55 -15.46 -8.19
CA LEU A 447 -3.44 -14.29 -9.06
C LEU A 447 -3.49 -12.97 -8.30
N PHE A 448 -4.45 -12.83 -7.38
CA PHE A 448 -4.61 -11.60 -6.60
C PHE A 448 -3.32 -11.27 -5.83
N VAL A 449 -2.88 -12.22 -4.99
CA VAL A 449 -1.68 -12.03 -4.19
C VAL A 449 -0.45 -11.86 -5.08
N ARG A 450 -0.38 -12.66 -6.14
CA ARG A 450 0.79 -12.61 -7.04
C ARG A 450 0.88 -11.25 -7.73
N ALA A 451 -0.26 -10.69 -8.12
CA ALA A 451 -0.26 -9.38 -8.75
C ALA A 451 0.21 -8.30 -7.79
N SER A 452 -0.24 -8.37 -6.53
CA SER A 452 0.23 -7.39 -5.56
C SER A 452 1.74 -7.49 -5.33
N CYS A 453 2.25 -8.72 -5.26
CA CYS A 453 3.70 -8.91 -5.06
C CYS A 453 4.49 -8.40 -6.27
N ILE A 454 4.02 -8.70 -7.48
CA ILE A 454 4.64 -8.18 -8.69
C ILE A 454 4.67 -6.66 -8.67
N LEU A 455 3.55 -6.03 -8.28
CA LEU A 455 3.49 -4.58 -8.25
C LEU A 455 4.52 -4.02 -7.27
N CYS A 456 4.60 -4.59 -6.07
CA CYS A 456 5.59 -4.13 -5.10
C CYS A 456 7.00 -4.20 -5.69
N ARG A 457 7.32 -5.33 -6.33
CA ARG A 457 8.66 -5.49 -6.91
C ARG A 457 8.92 -4.43 -7.99
N ILE A 458 8.02 -4.28 -8.95
CA ILE A 458 8.34 -3.40 -10.06
C ILE A 458 8.27 -1.93 -9.64
N ILE A 459 7.43 -1.58 -8.66
CA ILE A 459 7.44 -0.21 -8.14
C ILE A 459 8.78 0.07 -7.48
N ASN A 460 9.31 -0.88 -6.70
CA ASN A 460 10.60 -0.65 -6.07
C ASN A 460 11.71 -0.58 -7.10
N ASP A 461 11.61 -1.35 -8.19
CA ASP A 461 12.61 -1.28 -9.24
C ASP A 461 12.52 0.03 -10.03
N LEU A 462 11.32 0.60 -10.14
CA LEU A 462 11.22 1.92 -10.74
C LEU A 462 11.80 2.99 -9.83
N GLY A 463 11.66 2.81 -8.52
CA GLY A 463 12.21 3.78 -7.58
C GLY A 463 13.71 3.69 -7.39
N THR A 464 14.30 2.54 -7.69
CA THR A 464 15.72 2.34 -7.47
C THR A 464 16.54 3.05 -8.55
N ARG A 471 24.57 0.50 -6.60
CA ARG A 471 24.97 0.19 -5.23
C ARG A 471 24.33 -1.12 -4.76
N GLY A 472 24.64 -2.21 -5.46
CA GLY A 472 24.07 -3.50 -5.16
C GLY A 472 24.09 -4.43 -6.36
N ASP A 473 22.93 -5.00 -6.69
CA ASP A 473 22.76 -5.83 -7.88
C ASP A 473 21.98 -5.05 -8.92
N ASN A 474 22.66 -4.66 -10.00
CA ASN A 474 22.08 -3.81 -11.04
C ASN A 474 21.17 -4.57 -11.99
N LEU A 475 20.74 -5.78 -11.63
CA LEU A 475 19.83 -6.58 -12.44
C LEU A 475 18.40 -6.38 -11.91
N LYS A 476 17.82 -5.24 -12.27
CA LYS A 476 16.46 -4.88 -11.92
C LYS A 476 15.55 -5.01 -13.14
N SER A 477 14.30 -4.55 -12.99
CA SER A 477 13.30 -4.68 -14.06
C SER A 477 13.75 -3.97 -15.33
N ILE A 478 14.10 -2.69 -15.21
CA ILE A 478 14.39 -1.86 -16.39
C ILE A 478 15.54 -2.45 -17.20
N GLN A 479 16.66 -2.75 -16.54
CA GLN A 479 17.83 -3.22 -17.26
C GLN A 479 17.64 -4.64 -17.77
N CYS A 480 16.82 -5.45 -17.09
CA CYS A 480 16.45 -6.75 -17.64
C CYS A 480 15.69 -6.59 -18.95
N TYR A 481 14.72 -5.67 -18.98
CA TYR A 481 14.00 -5.42 -20.22
C TYR A 481 14.92 -4.86 -21.30
N MET A 482 15.86 -3.99 -20.92
CA MET A 482 16.82 -3.45 -21.87
C MET A 482 17.67 -4.55 -22.48
N ASN A 483 18.18 -5.46 -21.66
CA ASN A 483 18.94 -6.60 -22.16
C ASN A 483 18.08 -7.51 -23.03
N GLU A 484 16.78 -7.60 -22.71
CA GLU A 484 15.88 -8.43 -23.51
C GLU A 484 15.69 -7.87 -24.91
N THR A 485 15.21 -6.63 -25.01
CA THR A 485 14.74 -6.07 -26.27
C THR A 485 15.69 -5.07 -26.89
N GLY A 486 16.85 -4.82 -26.27
CA GLY A 486 17.77 -3.80 -26.76
C GLY A 486 17.20 -2.41 -26.62
N ALA A 487 16.12 -2.29 -25.85
CA ALA A 487 15.34 -1.06 -25.81
C ALA A 487 16.09 0.04 -25.07
N SER A 488 15.59 1.26 -25.25
CA SER A 488 16.16 2.44 -24.62
C SER A 488 15.95 2.42 -23.12
N GLN A 489 16.72 3.25 -22.42
CA GLN A 489 16.51 3.48 -21.00
C GLN A 489 15.08 3.92 -20.72
N GLU A 490 14.63 4.97 -21.40
CA GLU A 490 13.31 5.51 -21.14
C GLU A 490 12.18 4.70 -21.78
N VAL A 491 12.46 4.02 -22.90
CA VAL A 491 11.47 3.09 -23.44
C VAL A 491 11.23 1.95 -22.45
N ALA A 492 12.30 1.41 -21.86
CA ALA A 492 12.14 0.38 -20.84
C ALA A 492 11.42 0.91 -19.62
N ARG A 493 11.74 2.15 -19.19
CA ARG A 493 11.06 2.71 -18.03
C ARG A 493 9.57 2.86 -18.27
N GLU A 494 9.18 3.38 -19.43
CA GLU A 494 7.76 3.53 -19.73
C GLU A 494 7.09 2.16 -19.88
N HIS A 495 7.80 1.17 -20.41
CA HIS A 495 7.26 -0.18 -20.45
C HIS A 495 6.96 -0.70 -19.06
N ILE A 496 7.87 -0.46 -18.11
CA ILE A 496 7.63 -0.93 -16.74
C ILE A 496 6.49 -0.17 -16.10
N GLU A 497 6.36 1.13 -16.38
CA GLU A 497 5.22 1.90 -15.89
C GLU A 497 3.91 1.35 -16.45
N GLY A 498 3.92 0.95 -17.73
CA GLY A 498 2.76 0.28 -18.30
C GLY A 498 2.45 -1.04 -17.62
N LEU A 499 3.50 -1.77 -17.22
CA LEU A 499 3.28 -2.98 -16.44
C LEU A 499 2.63 -2.67 -15.11
N VAL A 500 3.03 -1.56 -14.49
CA VAL A 500 2.37 -1.11 -13.26
C VAL A 500 0.87 -0.93 -13.49
N ARG A 501 0.52 -0.19 -14.55
CA ARG A 501 -0.89 0.04 -14.84
CA ARG A 501 -0.89 0.04 -14.84
C ARG A 501 -1.62 -1.26 -15.13
N MET A 502 -0.98 -2.18 -15.86
CA MET A 502 -1.63 -3.45 -16.21
C MET A 502 -1.92 -4.28 -14.96
N TRP A 503 -0.93 -4.42 -14.08
CA TRP A 503 -1.16 -5.24 -12.89
C TRP A 503 -2.13 -4.57 -11.93
N TRP A 504 -2.18 -3.23 -11.90
CA TRP A 504 -3.23 -2.57 -11.12
C TRP A 504 -4.61 -2.86 -11.70
N LYS A 505 -4.73 -2.87 -13.04
CA LYS A 505 -5.99 -3.28 -13.66
C LYS A 505 -6.37 -4.68 -13.23
N ARG A 506 -5.40 -5.59 -13.19
CA ARG A 506 -5.71 -6.96 -12.81
C ARG A 506 -6.12 -7.05 -11.35
N LEU A 507 -5.51 -6.26 -10.47
CA LEU A 507 -5.96 -6.20 -9.07
C LEU A 507 -7.38 -5.67 -8.98
N ASN A 508 -7.69 -4.62 -9.74
CA ASN A 508 -9.05 -4.07 -9.74
C ASN A 508 -10.05 -5.13 -10.13
N LYS A 509 -9.74 -5.91 -11.18
CA LYS A 509 -10.68 -6.96 -11.58
C LYS A 509 -10.70 -8.11 -10.58
N CYS A 510 -9.60 -8.37 -9.88
CA CYS A 510 -9.61 -9.41 -8.86
C CYS A 510 -10.54 -9.03 -7.72
N LEU A 511 -10.56 -7.76 -7.34
CA LEU A 511 -11.41 -7.33 -6.23
C LEU A 511 -12.90 -7.50 -6.55
N PHE A 512 -13.26 -7.67 -7.82
CA PHE A 512 -14.64 -7.93 -8.21
C PHE A 512 -14.94 -9.41 -8.36
N GLU A 513 -13.97 -10.28 -8.15
CA GLU A 513 -14.24 -11.67 -8.46
C GLU A 513 -14.19 -12.52 -7.20
N PRO A 514 -15.03 -13.56 -7.12
CA PRO A 514 -15.10 -14.36 -5.89
C PRO A 514 -13.75 -14.96 -5.51
N SER A 515 -13.53 -15.08 -4.21
CA SER A 515 -12.26 -15.57 -3.68
CA SER A 515 -12.25 -15.55 -3.67
C SER A 515 -12.50 -16.05 -2.25
N PRO A 516 -11.66 -16.95 -1.75
CA PRO A 516 -11.77 -17.36 -0.34
C PRO A 516 -11.20 -16.35 0.64
N PHE A 517 -10.73 -15.20 0.16
CA PHE A 517 -10.18 -14.16 1.02
C PHE A 517 -11.25 -13.15 1.40
N THR A 518 -11.09 -12.56 2.58
CA THR A 518 -12.08 -11.64 3.14
C THR A 518 -11.39 -10.37 3.62
N GLU A 519 -12.19 -9.43 4.14
CA GLU A 519 -11.92 -8.00 4.25
C GLU A 519 -10.49 -7.62 4.65
N PRO A 520 -9.99 -8.06 5.81
CA PRO A 520 -8.68 -7.53 6.26
C PRO A 520 -7.54 -7.90 5.32
N PHE A 521 -7.49 -9.15 4.88
CA PHE A 521 -6.41 -9.57 3.97
C PHE A 521 -6.54 -8.92 2.60
N LEU A 522 -7.77 -8.74 2.11
CA LEU A 522 -8.02 -7.97 0.90
C LEU A 522 -7.35 -6.60 0.98
N SER A 523 -7.66 -5.88 2.06
CA SER A 523 -7.09 -4.54 2.24
C SER A 523 -5.57 -4.60 2.38
N PHE A 524 -5.06 -5.62 3.08
CA PHE A 524 -3.60 -5.78 3.19
C PHE A 524 -2.97 -5.88 1.80
N THR A 525 -3.57 -6.71 0.95
CA THR A 525 -3.01 -6.99 -0.37
C THR A 525 -2.98 -5.72 -1.24
N ILE A 526 -4.02 -4.88 -1.14
CA ILE A 526 -3.99 -3.62 -1.89
C ILE A 526 -3.02 -2.63 -1.26
N ASN A 527 -2.98 -2.58 0.07
CA ASN A 527 -2.29 -1.50 0.74
C ASN A 527 -0.78 -1.70 0.77
N VAL A 528 -0.27 -2.92 0.58
CA VAL A 528 1.17 -3.06 0.42
C VAL A 528 1.62 -2.40 -0.87
N VAL A 529 0.83 -2.53 -1.94
CA VAL A 529 1.14 -1.82 -3.19
C VAL A 529 1.07 -0.32 -2.96
N ARG A 530 0.06 0.13 -2.22
CA ARG A 530 -0.03 1.56 -1.93
C ARG A 530 1.19 2.06 -1.15
N GLY A 531 1.65 1.29 -0.17
CA GLY A 531 2.85 1.68 0.57
C GLY A 531 4.09 1.71 -0.31
N SER A 532 4.19 0.73 -1.22
CA SER A 532 5.29 0.75 -2.19
C SER A 532 5.28 2.04 -3.01
N HIS A 533 4.10 2.42 -3.50
CA HIS A 533 3.98 3.72 -4.19
C HIS A 533 4.43 4.85 -3.28
N PHE A 534 4.05 4.79 -2.00
CA PHE A 534 4.44 5.84 -1.05
C PHE A 534 5.95 6.00 -0.99
N PHE A 535 6.68 4.89 -0.88
CA PHE A 535 8.12 5.00 -0.68
C PHE A 535 8.84 5.38 -1.98
N TYR A 536 8.77 4.52 -3.00
CA TYR A 536 9.55 4.70 -4.22
C TYR A 536 8.76 5.48 -5.27
N GLN A 537 8.45 6.73 -4.93
CA GLN A 537 7.76 7.62 -5.86
C GLN A 537 8.67 8.02 -7.02
N SER A 547 15.94 12.78 3.51
CA SER A 547 14.82 11.89 3.20
C SER A 547 13.49 12.62 3.32
N TRP A 548 12.78 12.74 2.19
CA TRP A 548 11.41 13.25 2.25
C TRP A 548 10.49 12.26 2.95
N THR A 549 10.83 10.98 2.92
CA THR A 549 10.07 9.98 3.68
C THR A 549 10.22 10.20 5.18
N LYS A 550 11.34 10.78 5.61
CA LYS A 550 11.55 11.02 7.03
C LYS A 550 10.56 12.04 7.57
N ASN A 551 10.36 13.15 6.85
CA ASN A 551 9.43 14.17 7.31
C ASN A 551 7.99 13.69 7.22
N GLN A 552 7.69 12.78 6.30
CA GLN A 552 6.39 12.12 6.30
C GLN A 552 6.19 11.33 7.59
N GLY A 553 7.24 10.66 8.06
CA GLY A 553 7.16 9.96 9.33
C GLY A 553 6.99 10.91 10.49
N MET A 554 7.62 12.09 10.42
CA MET A 554 7.47 13.08 11.48
C MET A 554 6.05 13.63 11.53
N SER A 555 5.45 13.89 10.36
CA SER A 555 4.11 14.46 10.33
C SER A 555 3.04 13.46 10.68
N VAL A 556 3.26 12.18 10.43
CA VAL A 556 2.25 11.15 10.61
C VAL A 556 2.40 10.43 11.95
N LEU A 557 3.64 10.14 12.36
CA LEU A 557 3.89 9.32 13.54
C LEU A 557 4.34 10.09 14.77
N ILE A 558 4.88 11.29 14.62
CA ILE A 558 5.49 12.02 15.72
C ILE A 558 4.63 13.18 16.19
N HIS A 559 4.37 14.16 15.31
CA HIS A 559 3.71 15.38 15.77
C HIS A 559 2.20 15.22 15.74
N PRO A 560 1.50 15.53 16.83
CA PRO A 560 0.04 15.53 16.78
C PRO A 560 -0.48 16.74 16.01
N ILE A 561 -1.79 16.71 15.73
CA ILE A 561 -2.45 17.81 15.03
C ILE A 561 -3.06 18.73 16.07
N THR A 562 -2.69 20.00 16.02
CA THR A 562 -3.18 20.96 17.00
C THR A 562 -4.67 21.21 16.80
N LEU A 563 -5.39 21.29 17.92
CA LEU A 563 -6.84 21.36 17.86
C LEU A 563 -7.39 22.60 18.57
#